data_3VH4
#
_entry.id   3VH4
#
_cell.length_a   69.282
_cell.length_b   69.282
_cell.length_c   219.605
_cell.angle_alpha   90.00
_cell.angle_beta   90.00
_cell.angle_gamma   90.00
#
_symmetry.space_group_name_H-M   'P 43 21 2'
#
loop_
_entity.id
_entity.type
_entity.pdbx_description
1 polymer 'Ubiquitin-like modifier-activating enzyme ATG7'
2 polymer 'Autophagy-related protein 8'
3 non-polymer 'ZINC ION'
4 non-polymer "ADENOSINE-5'-TRIPHOSPHATE"
5 non-polymer 'MAGNESIUM ION'
#
loop_
_entity_poly.entity_id
_entity_poly.type
_entity_poly.pdbx_seq_one_letter_code
_entity_poly.pdbx_strand_id
1 'polypeptide(L)'
;GPHMLKIADQSVDLNLKLMKWRILPDLNLDIIKNTKVLLLGAGTLGCYVSRALIAWGVRKITFVDNGTVSYSNPVRQALY
NFEDCGKPKAELAAASLKRIFPLMDATGVKLSIPMIGHKLVNEEAQHKDFDRLRALIKEHDIIFLLVDSRESRWLPSLLS
NIENKTVINAALGFDSYLVMRHGNRDEQSSKQLGCYFCHDVVAPTDSLTDRTLDQMCTVTRPGVAMMASSLAVELMTSLL
QTKYSGSETTVLGDIPHQIRGFLHNFSILKLETPAYEHCPACSPKVIEAFTDLGWEFVKKALEHPLYLEEISGLSVIKQE
VERLGNDVFEWEDDESDEIA
;
A
2 'polypeptide(L)'
;GPHMKSTFKSEYPFEKRKAESERIADRFPNRIPVICEKAEKSDIPEIDKRKYLVPADLTVGQFVYVIRKRIMLPPEKAIF
IFVNDTLPPTAALMSAIYQEHKDKDGFLYVTYSGENTFG
;
B
#
loop_
_chem_comp.id
_chem_comp.type
_chem_comp.name
_chem_comp.formula
ATP non-polymer ADENOSINE-5'-TRIPHOSPHATE 'C10 H16 N5 O13 P3'
MG non-polymer 'MAGNESIUM ION' 'Mg 2'
ZN non-polymer 'ZINC ION' 'Zn 2'
#
# COMPACT_ATOMS: atom_id res chain seq x y z
N MET A 4 -32.95 -18.60 -18.20
CA MET A 4 -32.53 -17.26 -18.69
C MET A 4 -31.07 -17.05 -18.33
N LEU A 5 -30.56 -17.88 -17.43
CA LEU A 5 -29.16 -17.78 -17.00
C LEU A 5 -28.20 -17.96 -18.18
N LYS A 6 -28.51 -18.91 -19.05
CA LYS A 6 -27.65 -19.16 -20.21
C LYS A 6 -27.51 -17.89 -21.03
N ILE A 7 -28.65 -17.40 -21.54
CA ILE A 7 -28.69 -16.21 -22.37
C ILE A 7 -28.02 -15.01 -21.70
N ALA A 8 -28.06 -14.97 -20.36
CA ALA A 8 -27.43 -13.89 -19.63
C ALA A 8 -25.93 -14.11 -19.69
N ASP A 9 -25.50 -15.31 -19.33
CA ASP A 9 -24.09 -15.66 -19.35
C ASP A 9 -23.50 -15.35 -20.71
N GLN A 10 -24.21 -15.76 -21.76
CA GLN A 10 -23.75 -15.52 -23.12
C GLN A 10 -23.60 -14.04 -23.41
N SER A 11 -24.54 -13.26 -22.91
CA SER A 11 -24.55 -11.83 -23.15
C SER A 11 -23.33 -11.12 -22.56
N VAL A 12 -23.05 -11.41 -21.31
CA VAL A 12 -21.92 -10.81 -20.63
C VAL A 12 -20.63 -11.28 -21.31
N ASP A 13 -20.59 -12.58 -21.60
CA ASP A 13 -19.43 -13.18 -22.25
C ASP A 13 -19.11 -12.53 -23.58
N LEU A 14 -20.13 -12.28 -24.38
CA LEU A 14 -19.95 -11.67 -25.69
C LEU A 14 -19.37 -10.27 -25.61
N ASN A 15 -19.77 -9.55 -24.57
CA ASN A 15 -19.28 -8.20 -24.38
C ASN A 15 -17.77 -8.22 -24.14
N LEU A 16 -17.31 -9.19 -23.36
CA LEU A 16 -15.89 -9.32 -23.09
C LEU A 16 -15.18 -9.73 -24.38
N LYS A 17 -15.72 -10.74 -25.06
CA LYS A 17 -15.10 -11.23 -26.28
C LYS A 17 -14.95 -10.12 -27.32
N LEU A 18 -15.92 -9.22 -27.39
CA LEU A 18 -15.84 -8.15 -28.36
C LEU A 18 -14.64 -7.22 -28.20
N MET A 19 -14.19 -6.99 -26.97
CA MET A 19 -13.04 -6.11 -26.77
C MET A 19 -11.74 -6.76 -27.23
N LYS A 20 -11.71 -8.09 -27.21
CA LYS A 20 -10.55 -8.83 -27.70
C LYS A 20 -10.66 -8.91 -29.21
N TRP A 21 -11.75 -9.53 -29.69
CA TRP A 21 -11.96 -9.69 -31.12
C TRP A 21 -11.86 -8.42 -31.94
N ARG A 22 -12.59 -7.38 -31.57
CA ARG A 22 -12.55 -6.15 -32.37
C ARG A 22 -11.58 -5.03 -32.00
N ILE A 23 -10.99 -5.09 -30.82
CA ILE A 23 -10.08 -4.01 -30.40
C ILE A 23 -8.67 -4.46 -30.06
N LEU A 24 -8.56 -5.41 -29.13
CA LEU A 24 -7.25 -5.92 -28.71
C LEU A 24 -7.23 -7.43 -28.93
N PRO A 25 -6.95 -7.87 -30.17
CA PRO A 25 -6.91 -9.32 -30.42
C PRO A 25 -5.86 -10.06 -29.59
N ASP A 26 -4.79 -9.37 -29.20
CA ASP A 26 -3.77 -10.02 -28.39
C ASP A 26 -4.20 -10.21 -26.94
N LEU A 27 -5.28 -9.56 -26.55
CA LEU A 27 -5.79 -9.63 -25.18
C LEU A 27 -6.15 -11.05 -24.76
N ASN A 28 -5.76 -11.40 -23.53
CA ASN A 28 -6.02 -12.70 -22.97
C ASN A 28 -7.12 -12.54 -21.93
N LEU A 29 -8.34 -12.94 -22.27
CA LEU A 29 -9.48 -12.83 -21.35
C LEU A 29 -9.54 -14.02 -20.39
N ASP A 30 -9.19 -15.20 -20.89
CA ASP A 30 -9.18 -16.44 -20.10
C ASP A 30 -8.36 -16.32 -18.81
N ILE A 31 -7.15 -15.78 -18.91
CA ILE A 31 -6.30 -15.65 -17.73
C ILE A 31 -7.05 -14.88 -16.65
N ILE A 32 -7.74 -13.81 -17.05
CA ILE A 32 -8.51 -12.98 -16.13
C ILE A 32 -9.70 -13.76 -15.55
N LYS A 33 -10.47 -14.37 -16.43
CA LYS A 33 -11.64 -15.14 -16.04
C LYS A 33 -11.32 -16.16 -14.96
N ASN A 34 -10.28 -16.96 -15.21
CA ASN A 34 -9.89 -18.03 -14.29
C ASN A 34 -9.17 -17.61 -13.02
N THR A 35 -8.74 -16.36 -12.95
CA THR A 35 -8.04 -15.89 -11.76
C THR A 35 -8.86 -15.98 -10.47
N LYS A 36 -8.31 -16.63 -9.45
CA LYS A 36 -8.99 -16.77 -8.18
C LYS A 36 -8.56 -15.55 -7.35
N VAL A 37 -9.54 -14.76 -6.94
CA VAL A 37 -9.23 -13.54 -6.22
C VAL A 37 -9.64 -13.57 -4.77
N LEU A 38 -8.72 -13.13 -3.92
CA LEU A 38 -8.97 -13.07 -2.48
C LEU A 38 -9.03 -11.58 -2.06
N LEU A 39 -10.18 -11.15 -1.55
CA LEU A 39 -10.33 -9.76 -1.13
C LEU A 39 -10.28 -9.59 0.38
N LEU A 40 -9.15 -9.10 0.87
CA LEU A 40 -9.02 -8.88 2.29
C LEU A 40 -9.63 -7.49 2.53
N GLY A 41 -10.91 -7.50 2.93
CA GLY A 41 -11.65 -6.28 3.17
C GLY A 41 -12.90 -6.23 2.29
N ALA A 42 -14.06 -6.08 2.92
CA ALA A 42 -15.35 -6.02 2.21
C ALA A 42 -16.04 -4.67 2.50
N GLY A 43 -15.25 -3.61 2.54
CA GLY A 43 -15.79 -2.28 2.77
C GLY A 43 -15.80 -1.52 1.44
N THR A 44 -15.69 -0.19 1.50
CA THR A 44 -15.72 0.60 0.30
C THR A 44 -14.79 0.09 -0.81
N LEU A 45 -13.52 -0.13 -0.52
CA LEU A 45 -12.62 -0.62 -1.58
C LEU A 45 -13.06 -2.00 -2.04
N GLY A 46 -13.24 -2.91 -1.08
CA GLY A 46 -13.68 -4.27 -1.40
C GLY A 46 -14.93 -4.31 -2.27
N CYS A 47 -15.91 -3.47 -1.99
CA CYS A 47 -17.10 -3.47 -2.83
C CYS A 47 -16.78 -2.99 -4.26
N TYR A 48 -16.13 -1.83 -4.40
CA TYR A 48 -15.84 -1.34 -5.73
C TYR A 48 -14.90 -2.28 -6.52
N VAL A 49 -13.81 -2.72 -5.91
CA VAL A 49 -12.90 -3.63 -6.60
C VAL A 49 -13.66 -4.84 -7.07
N SER A 50 -14.52 -5.39 -6.22
CA SER A 50 -15.28 -6.58 -6.62
C SER A 50 -16.22 -6.28 -7.79
N ARG A 51 -16.81 -5.09 -7.85
CA ARG A 51 -17.70 -4.80 -8.97
C ARG A 51 -16.89 -4.68 -10.25
N ALA A 52 -15.70 -4.08 -10.14
CA ALA A 52 -14.84 -3.93 -11.30
C ALA A 52 -14.34 -5.27 -11.80
N LEU A 53 -14.21 -6.25 -10.90
CA LEU A 53 -13.74 -7.56 -11.33
C LEU A 53 -14.78 -8.42 -12.07
N ILE A 54 -16.06 -8.33 -11.71
CA ILE A 54 -17.02 -9.18 -12.45
C ILE A 54 -17.18 -8.58 -13.84
N ALA A 55 -17.10 -7.26 -13.90
CA ALA A 55 -17.22 -6.58 -15.18
C ALA A 55 -16.08 -7.06 -16.06
N TRP A 56 -14.94 -7.39 -15.46
CA TRP A 56 -13.83 -7.89 -16.26
C TRP A 56 -13.96 -9.35 -16.64
N GLY A 57 -14.84 -10.08 -15.97
CA GLY A 57 -15.01 -11.47 -16.31
C GLY A 57 -14.51 -12.45 -15.28
N VAL A 58 -13.97 -11.93 -14.19
CA VAL A 58 -13.46 -12.77 -13.10
C VAL A 58 -14.64 -13.51 -12.47
N ARG A 59 -14.48 -14.81 -12.29
CA ARG A 59 -15.55 -15.63 -11.75
C ARG A 59 -15.42 -16.10 -10.30
N LYS A 60 -14.17 -16.24 -9.83
CA LYS A 60 -13.89 -16.70 -8.46
C LYS A 60 -13.36 -15.57 -7.57
N ILE A 61 -14.23 -15.07 -6.69
CA ILE A 61 -13.86 -13.99 -5.78
C ILE A 61 -14.25 -14.39 -4.38
N THR A 62 -13.31 -14.24 -3.44
CA THR A 62 -13.58 -14.55 -2.05
C THR A 62 -13.36 -13.31 -1.18
N PHE A 63 -14.34 -12.98 -0.35
CA PHE A 63 -14.28 -11.84 0.56
C PHE A 63 -13.83 -12.30 1.94
N VAL A 64 -12.94 -11.55 2.58
CA VAL A 64 -12.48 -11.87 3.93
C VAL A 64 -12.73 -10.59 4.73
N ASP A 65 -13.62 -10.66 5.71
CA ASP A 65 -13.95 -9.50 6.49
C ASP A 65 -14.70 -10.01 7.72
N ASN A 66 -14.38 -9.46 8.88
CA ASN A 66 -15.02 -9.91 10.11
C ASN A 66 -16.02 -8.92 10.72
N GLY A 67 -16.40 -7.91 9.96
CA GLY A 67 -17.33 -6.93 10.51
C GLY A 67 -18.77 -7.10 10.07
N THR A 68 -19.62 -6.19 10.49
CA THR A 68 -21.04 -6.23 10.11
C THR A 68 -21.43 -4.91 9.44
N VAL A 69 -22.49 -4.95 8.65
CA VAL A 69 -22.96 -3.78 7.95
C VAL A 69 -23.48 -2.70 8.91
N SER A 70 -22.76 -1.58 8.95
CA SER A 70 -23.08 -0.43 9.81
C SER A 70 -24.15 0.45 9.15
N TYR A 71 -24.76 1.34 9.91
CA TYR A 71 -25.80 2.21 9.35
C TYR A 71 -25.32 3.14 8.26
N SER A 72 -24.07 3.59 8.36
CA SER A 72 -23.51 4.50 7.37
C SER A 72 -22.75 3.78 6.24
N ASN A 73 -22.71 2.45 6.27
CA ASN A 73 -22.01 1.71 5.23
C ASN A 73 -22.65 1.75 3.84
N PRO A 74 -23.95 1.46 3.75
CA PRO A 74 -24.61 1.47 2.45
C PRO A 74 -24.24 2.57 1.44
N VAL A 75 -24.37 3.84 1.82
CA VAL A 75 -24.08 4.95 0.90
C VAL A 75 -22.66 4.96 0.35
N ARG A 76 -21.72 4.31 1.01
CA ARG A 76 -20.34 4.28 0.56
C ARG A 76 -19.83 2.90 0.14
N GLN A 77 -20.54 1.85 0.54
CA GLN A 77 -20.12 0.50 0.24
C GLN A 77 -21.17 -0.14 -0.65
N ALA A 78 -20.95 0.03 -1.95
CA ALA A 78 -21.85 -0.40 -3.02
C ALA A 78 -22.31 -1.83 -3.18
N LEU A 79 -22.26 -2.62 -2.13
CA LEU A 79 -22.74 -4.00 -2.26
C LEU A 79 -23.81 -4.21 -1.19
N TYR A 80 -23.97 -3.23 -0.30
CA TYR A 80 -24.93 -3.35 0.77
C TYR A 80 -26.05 -2.32 0.74
N ASN A 81 -27.23 -2.75 1.17
CA ASN A 81 -28.39 -1.88 1.24
C ASN A 81 -28.75 -1.64 2.69
N PHE A 82 -29.66 -0.69 2.89
CA PHE A 82 -30.13 -0.32 4.21
C PHE A 82 -30.74 -1.51 4.99
N GLU A 83 -31.44 -2.38 4.30
CA GLU A 83 -32.05 -3.53 4.96
C GLU A 83 -30.96 -4.48 5.46
N ASP A 84 -29.77 -4.40 4.86
CA ASP A 84 -28.66 -5.27 5.22
C ASP A 84 -28.00 -4.92 6.54
N CYS A 85 -28.29 -3.76 7.11
CA CYS A 85 -27.64 -3.38 8.37
C CYS A 85 -27.72 -4.40 9.50
N GLY A 86 -26.60 -4.58 10.18
CA GLY A 86 -26.52 -5.52 11.28
C GLY A 86 -25.97 -6.88 10.87
N LYS A 87 -26.18 -7.26 9.63
CA LYS A 87 -25.73 -8.54 9.08
C LYS A 87 -24.24 -8.58 8.76
N PRO A 88 -23.62 -9.76 8.87
CA PRO A 88 -22.18 -9.92 8.58
C PRO A 88 -21.83 -9.62 7.13
N LYS A 89 -20.81 -8.79 6.96
CA LYS A 89 -20.34 -8.34 5.64
C LYS A 89 -19.84 -9.36 4.63
N ALA A 90 -18.79 -10.09 4.97
CA ALA A 90 -18.24 -11.03 4.01
C ALA A 90 -19.31 -11.83 3.28
N GLU A 91 -20.22 -12.46 4.03
CA GLU A 91 -21.27 -13.27 3.41
C GLU A 91 -22.30 -12.50 2.63
N LEU A 92 -22.76 -11.41 3.22
CA LEU A 92 -23.74 -10.58 2.54
C LEU A 92 -23.09 -10.17 1.22
N ALA A 93 -21.82 -9.77 1.29
CA ALA A 93 -21.08 -9.37 0.11
C ALA A 93 -21.09 -10.44 -1.00
N ALA A 94 -20.79 -11.69 -0.66
CA ALA A 94 -20.78 -12.75 -1.67
C ALA A 94 -22.18 -12.98 -2.22
N ALA A 95 -23.18 -12.88 -1.36
CA ALA A 95 -24.57 -13.06 -1.76
C ALA A 95 -24.91 -11.98 -2.76
N SER A 96 -24.43 -10.78 -2.45
CA SER A 96 -24.64 -9.58 -3.25
C SER A 96 -24.09 -9.72 -4.66
N LEU A 97 -22.88 -10.24 -4.79
CA LEU A 97 -22.33 -10.43 -6.12
C LEU A 97 -23.23 -11.39 -6.91
N LYS A 98 -23.70 -12.45 -6.26
CA LYS A 98 -24.57 -13.42 -6.92
C LYS A 98 -25.88 -12.81 -7.41
N ARG A 99 -26.42 -11.85 -6.66
CA ARG A 99 -27.64 -11.18 -7.10
C ARG A 99 -27.33 -10.42 -8.39
N ILE A 100 -26.05 -10.13 -8.62
CA ILE A 100 -25.67 -9.42 -9.83
C ILE A 100 -25.46 -10.43 -10.96
N PHE A 101 -24.59 -11.40 -10.72
CA PHE A 101 -24.30 -12.43 -11.71
C PHE A 101 -24.41 -13.75 -10.95
N PRO A 102 -25.56 -14.43 -11.08
CA PRO A 102 -25.74 -15.70 -10.37
C PRO A 102 -24.67 -16.78 -10.58
N LEU A 103 -23.99 -16.78 -11.73
CA LEU A 103 -22.94 -17.79 -11.93
C LEU A 103 -21.62 -17.49 -11.21
N MET A 104 -21.54 -16.35 -10.54
CA MET A 104 -20.32 -16.02 -9.81
C MET A 104 -20.07 -17.05 -8.73
N ASP A 105 -18.80 -17.36 -8.53
CA ASP A 105 -18.39 -18.28 -7.48
C ASP A 105 -17.94 -17.40 -6.31
N ALA A 106 -18.89 -16.65 -5.75
CA ALA A 106 -18.61 -15.74 -4.64
C ALA A 106 -18.75 -16.44 -3.29
N THR A 107 -17.79 -16.19 -2.42
CA THR A 107 -17.76 -16.80 -1.10
C THR A 107 -17.41 -15.74 -0.07
N GLY A 108 -17.94 -15.89 1.13
CA GLY A 108 -17.65 -14.93 2.18
C GLY A 108 -17.11 -15.62 3.41
N VAL A 109 -15.87 -15.31 3.77
CA VAL A 109 -15.26 -15.90 4.93
C VAL A 109 -15.16 -14.88 6.07
N LYS A 110 -15.90 -15.11 7.16
CA LYS A 110 -15.86 -14.19 8.30
C LYS A 110 -14.62 -14.51 9.14
N LEU A 111 -13.49 -14.01 8.69
CA LEU A 111 -12.21 -14.24 9.35
C LEU A 111 -11.65 -12.93 9.89
N SER A 112 -11.02 -13.02 11.06
CA SER A 112 -10.44 -11.86 11.68
C SER A 112 -8.94 -11.94 11.43
N ILE A 113 -8.38 -10.89 10.84
CA ILE A 113 -6.97 -10.87 10.55
C ILE A 113 -6.23 -10.39 11.78
N PRO A 114 -5.39 -11.26 12.35
CA PRO A 114 -4.62 -10.87 13.54
C PRO A 114 -3.77 -9.64 13.23
N MET A 115 -3.89 -8.62 14.07
CA MET A 115 -3.18 -7.36 13.87
C MET A 115 -1.94 -7.15 14.73
N ILE A 116 -0.81 -6.98 14.06
CA ILE A 116 0.44 -6.75 14.76
C ILE A 116 0.31 -5.51 15.62
N GLY A 117 0.77 -5.58 16.86
CA GLY A 117 0.70 -4.46 17.77
C GLY A 117 -0.38 -4.62 18.83
N HIS A 118 -1.30 -5.54 18.61
CA HIS A 118 -2.39 -5.77 19.56
C HIS A 118 -2.10 -7.01 20.38
N LYS A 119 -2.60 -7.04 21.61
CA LYS A 119 -2.36 -8.19 22.47
C LYS A 119 -3.15 -9.40 22.02
N LEU A 120 -2.51 -10.56 22.05
CA LEU A 120 -3.17 -11.81 21.68
C LEU A 120 -4.22 -12.09 22.75
N VAL A 121 -5.48 -12.19 22.35
CA VAL A 121 -6.56 -12.45 23.31
C VAL A 121 -6.87 -13.94 23.50
N ASN A 122 -6.59 -14.73 22.47
CA ASN A 122 -6.84 -16.16 22.54
C ASN A 122 -5.88 -16.91 21.62
N GLU A 123 -4.68 -17.20 22.14
CA GLU A 123 -3.64 -17.91 21.39
C GLU A 123 -4.17 -18.93 20.38
N GLU A 124 -4.73 -20.03 20.86
CA GLU A 124 -5.23 -21.08 19.99
C GLU A 124 -6.20 -20.51 18.94
N ALA A 125 -7.16 -19.70 19.39
CA ALA A 125 -8.13 -19.09 18.48
C ALA A 125 -7.44 -18.24 17.40
N GLN A 126 -6.46 -17.44 17.81
CA GLN A 126 -5.75 -16.62 16.86
C GLN A 126 -4.65 -17.36 16.11
N HIS A 127 -4.42 -18.62 16.47
CA HIS A 127 -3.42 -19.41 15.76
C HIS A 127 -4.22 -20.04 14.62
N LYS A 128 -5.49 -20.33 14.89
CA LYS A 128 -6.38 -20.90 13.91
C LYS A 128 -6.61 -19.83 12.83
N ASP A 129 -6.90 -18.60 13.28
CA ASP A 129 -7.11 -17.48 12.38
C ASP A 129 -5.91 -17.45 11.42
N PHE A 130 -4.72 -17.43 12.00
CA PHE A 130 -3.48 -17.43 11.24
C PHE A 130 -3.45 -18.48 10.13
N ASP A 131 -3.64 -19.76 10.49
CA ASP A 131 -3.61 -20.81 9.47
C ASP A 131 -4.72 -20.68 8.45
N ARG A 132 -5.90 -20.29 8.91
CA ARG A 132 -7.04 -20.09 8.05
C ARG A 132 -6.65 -19.09 6.94
N LEU A 133 -6.11 -17.95 7.33
CA LEU A 133 -5.71 -16.91 6.38
C LEU A 133 -4.67 -17.38 5.36
N ARG A 134 -3.69 -18.13 5.83
CA ARG A 134 -2.66 -18.63 4.95
C ARG A 134 -3.25 -19.58 3.92
N ALA A 135 -4.15 -20.46 4.36
CA ALA A 135 -4.78 -21.39 3.43
C ALA A 135 -5.49 -20.60 2.31
N LEU A 136 -6.29 -19.62 2.72
CA LEU A 136 -7.03 -18.77 1.77
C LEU A 136 -6.07 -18.09 0.79
N ILE A 137 -4.96 -17.56 1.30
CA ILE A 137 -3.98 -16.90 0.44
C ILE A 137 -3.35 -17.96 -0.46
N LYS A 138 -3.23 -19.17 0.07
CA LYS A 138 -2.60 -20.24 -0.66
C LYS A 138 -3.44 -20.66 -1.87
N GLU A 139 -4.74 -20.78 -1.68
CA GLU A 139 -5.62 -21.21 -2.77
C GLU A 139 -5.94 -20.17 -3.85
N HIS A 140 -5.78 -18.89 -3.56
CA HIS A 140 -6.11 -17.89 -4.57
C HIS A 140 -4.89 -17.44 -5.34
N ASP A 141 -5.13 -16.72 -6.45
CA ASP A 141 -4.05 -16.27 -7.33
C ASP A 141 -3.63 -14.81 -7.14
N ILE A 142 -4.60 -13.96 -6.83
CA ILE A 142 -4.32 -12.55 -6.62
C ILE A 142 -4.99 -12.20 -5.32
N ILE A 143 -4.26 -11.52 -4.46
CA ILE A 143 -4.73 -11.11 -3.17
C ILE A 143 -4.76 -9.58 -3.24
N PHE A 144 -5.90 -9.00 -2.88
CA PHE A 144 -6.13 -7.54 -2.84
C PHE A 144 -6.20 -7.16 -1.36
N LEU A 145 -5.26 -6.34 -0.92
CA LEU A 145 -5.19 -5.91 0.48
C LEU A 145 -6.05 -4.66 0.65
N LEU A 146 -7.32 -4.85 0.99
CA LEU A 146 -8.25 -3.71 1.09
C LEU A 146 -8.77 -3.41 2.48
N VAL A 147 -7.86 -3.51 3.44
CA VAL A 147 -8.18 -3.25 4.84
C VAL A 147 -7.97 -1.78 5.18
N ASP A 148 -8.42 -1.39 6.37
CA ASP A 148 -8.35 0.00 6.79
C ASP A 148 -7.41 0.39 7.92
N SER A 149 -6.27 -0.26 8.04
CA SER A 149 -5.33 0.12 9.08
C SER A 149 -3.99 -0.38 8.62
N ARG A 150 -2.93 0.29 9.05
CA ARG A 150 -1.56 -0.08 8.69
C ARG A 150 -1.26 -1.48 9.22
N GLU A 151 -1.70 -1.77 10.44
CA GLU A 151 -1.46 -3.06 11.07
C GLU A 151 -2.04 -4.26 10.33
N SER A 152 -3.27 -4.10 9.85
CA SER A 152 -3.95 -5.19 9.16
C SER A 152 -3.30 -5.59 7.86
N ARG A 153 -2.34 -4.80 7.41
CA ARG A 153 -1.66 -5.10 6.16
C ARG A 153 -0.38 -5.94 6.31
N TRP A 154 0.19 -5.94 7.50
CA TRP A 154 1.43 -6.67 7.76
C TRP A 154 1.38 -8.18 7.57
N LEU A 155 0.52 -8.87 8.30
CA LEU A 155 0.45 -10.32 8.18
C LEU A 155 0.17 -10.78 6.74
N PRO A 156 -0.84 -10.16 6.10
CA PRO A 156 -1.20 -10.52 4.73
C PRO A 156 -0.07 -10.24 3.75
N SER A 157 0.67 -9.17 3.99
CA SER A 157 1.77 -8.86 3.09
C SER A 157 2.77 -10.01 3.17
N LEU A 158 3.12 -10.40 4.39
CA LEU A 158 4.08 -11.47 4.59
C LEU A 158 3.63 -12.85 4.07
N LEU A 159 2.49 -13.35 4.54
CA LEU A 159 2.02 -14.64 4.09
C LEU A 159 1.98 -14.66 2.58
N SER A 160 1.48 -13.59 2.00
CA SER A 160 1.40 -13.51 0.55
C SER A 160 2.76 -13.55 -0.09
N ASN A 161 3.77 -13.02 0.58
CA ASN A 161 5.11 -13.05 0.00
C ASN A 161 5.63 -14.48 0.08
N ILE A 162 5.36 -15.13 1.21
CA ILE A 162 5.77 -16.50 1.43
C ILE A 162 5.11 -17.44 0.44
N GLU A 163 3.79 -17.32 0.26
CA GLU A 163 3.09 -18.22 -0.67
C GLU A 163 3.36 -17.86 -2.11
N ASN A 164 4.06 -16.74 -2.31
CA ASN A 164 4.42 -16.24 -3.64
C ASN A 164 3.27 -15.73 -4.49
N LYS A 165 2.24 -15.20 -3.86
CA LYS A 165 1.09 -14.71 -4.59
C LYS A 165 1.31 -13.26 -4.95
N THR A 166 0.63 -12.80 -6.00
CA THR A 166 0.74 -11.39 -6.39
C THR A 166 -0.16 -10.62 -5.44
N VAL A 167 0.32 -9.47 -5.00
CA VAL A 167 -0.47 -8.67 -4.12
C VAL A 167 -0.68 -7.28 -4.67
N ILE A 168 -1.92 -6.84 -4.61
CA ILE A 168 -2.27 -5.50 -5.03
C ILE A 168 -2.81 -4.89 -3.78
N ASN A 169 -2.15 -3.82 -3.36
CA ASN A 169 -2.47 -3.10 -2.15
C ASN A 169 -3.11 -1.75 -2.49
N ALA A 170 -4.25 -1.45 -1.87
CA ALA A 170 -4.91 -0.17 -2.11
C ALA A 170 -5.23 0.43 -0.75
N ALA A 171 -4.95 1.71 -0.59
CA ALA A 171 -5.21 2.40 0.65
C ALA A 171 -5.62 3.85 0.33
N LEU A 172 -6.56 4.35 1.12
CA LEU A 172 -7.08 5.69 0.92
C LEU A 172 -6.69 6.70 1.98
N GLY A 173 -6.70 7.95 1.56
CA GLY A 173 -6.42 9.06 2.44
C GLY A 173 -7.65 9.93 2.19
N PHE A 174 -7.80 11.02 2.91
CA PHE A 174 -8.96 11.89 2.71
C PHE A 174 -9.04 12.45 1.28
N ASP A 175 -7.89 12.90 0.78
CA ASP A 175 -7.81 13.52 -0.53
C ASP A 175 -7.04 12.72 -1.57
N SER A 176 -6.41 11.64 -1.14
CA SER A 176 -5.59 10.84 -2.04
C SER A 176 -5.84 9.35 -1.96
N TYR A 177 -5.01 8.60 -2.68
CA TYR A 177 -5.11 7.15 -2.70
C TYR A 177 -3.83 6.53 -3.23
N LEU A 178 -3.55 5.33 -2.75
CA LEU A 178 -2.36 4.61 -3.15
C LEU A 178 -2.76 3.22 -3.64
N VAL A 179 -2.27 2.84 -4.81
CA VAL A 179 -2.57 1.54 -5.38
C VAL A 179 -1.23 1.02 -5.83
N MET A 180 -0.85 -0.14 -5.33
CA MET A 180 0.44 -0.68 -5.70
C MET A 180 0.51 -2.19 -5.54
N ARG A 181 1.39 -2.78 -6.34
CA ARG A 181 1.61 -4.21 -6.30
C ARG A 181 2.94 -4.44 -5.61
N HIS A 182 2.94 -5.35 -4.64
CA HIS A 182 4.15 -5.73 -3.90
C HIS A 182 5.03 -6.55 -4.79
N GLY A 183 6.33 -6.47 -4.55
CA GLY A 183 7.26 -7.26 -5.35
C GLY A 183 7.25 -8.70 -4.88
N ASN A 184 7.83 -9.57 -5.67
CA ASN A 184 7.93 -10.97 -5.29
C ASN A 184 9.38 -11.35 -5.44
N ARG A 185 9.86 -12.15 -4.49
CA ARG A 185 11.24 -12.56 -4.49
C ARG A 185 11.53 -13.63 -5.54
N ASP A 186 12.35 -13.26 -6.52
CA ASP A 186 12.76 -14.13 -7.62
C ASP A 186 14.23 -14.50 -7.45
N GLU A 187 14.54 -15.79 -7.56
CA GLU A 187 15.93 -16.27 -7.43
C GLU A 187 16.79 -15.80 -8.61
N GLN A 188 16.21 -15.87 -9.81
CA GLN A 188 16.88 -15.46 -11.05
C GLN A 188 17.04 -13.94 -11.24
N SER A 189 16.18 -13.16 -10.60
CA SER A 189 16.24 -11.70 -10.73
C SER A 189 16.65 -11.02 -9.42
N SER A 190 17.78 -10.32 -9.45
CA SER A 190 18.28 -9.62 -8.28
C SER A 190 17.51 -8.30 -8.15
N LYS A 191 16.38 -8.22 -8.85
CA LYS A 191 15.53 -7.04 -8.82
C LYS A 191 14.14 -7.37 -8.28
N GLN A 192 13.83 -6.81 -7.11
CA GLN A 192 12.54 -7.03 -6.47
C GLN A 192 11.98 -5.67 -6.12
N LEU A 193 10.70 -5.50 -6.42
CA LEU A 193 10.01 -4.24 -6.14
C LEU A 193 9.62 -4.18 -4.67
N GLY A 194 9.47 -2.97 -4.16
CA GLY A 194 9.11 -2.81 -2.77
C GLY A 194 7.68 -3.18 -2.43
N CYS A 195 7.38 -3.12 -1.14
CA CYS A 195 6.04 -3.41 -0.65
C CYS A 195 5.58 -2.20 0.16
N TYR A 196 4.30 -2.21 0.51
CA TYR A 196 3.68 -1.15 1.26
C TYR A 196 4.54 -0.68 2.42
N PHE A 197 5.28 -1.60 3.02
CA PHE A 197 6.11 -1.30 4.17
C PHE A 197 7.53 -0.80 3.92
N CYS A 198 8.02 -0.84 2.69
CA CYS A 198 9.37 -0.38 2.40
C CYS A 198 9.54 1.13 2.41
N HIS A 199 8.47 1.88 2.68
CA HIS A 199 8.56 3.34 2.62
C HIS A 199 8.83 4.10 3.90
N ASP A 200 8.69 3.44 5.05
CA ASP A 200 8.97 4.12 6.30
C ASP A 200 10.00 3.30 7.06
N VAL A 201 10.26 3.68 8.29
CA VAL A 201 11.24 3.00 9.12
C VAL A 201 10.69 2.65 10.51
N VAL A 202 9.37 2.54 10.61
CA VAL A 202 8.74 2.15 11.88
C VAL A 202 8.03 0.81 11.63
N ALA A 203 7.94 0.00 12.68
CA ALA A 203 7.29 -1.29 12.57
C ALA A 203 5.79 -1.09 12.78
N PRO A 204 4.97 -1.56 11.84
CA PRO A 204 3.52 -1.38 12.01
C PRO A 204 3.09 -1.84 13.39
N THR A 205 2.25 -1.05 14.04
CA THR A 205 1.80 -1.41 15.38
C THR A 205 0.39 -0.91 15.70
N ASP A 206 -0.08 -1.18 16.90
CA ASP A 206 -1.43 -0.75 17.29
C ASP A 206 -1.61 0.75 17.10
N SER A 207 -2.58 1.11 16.25
CA SER A 207 -2.88 2.51 15.95
C SER A 207 -4.36 2.79 16.11
N LEU A 208 -5.12 1.77 16.50
CA LEU A 208 -6.55 1.95 16.66
C LEU A 208 -7.00 2.06 18.12
N THR A 209 -6.43 1.21 18.97
CA THR A 209 -6.77 1.20 20.38
C THR A 209 -6.62 2.58 21.00
N ASP A 210 -5.48 3.22 20.74
CA ASP A 210 -5.19 4.56 21.28
C ASP A 210 -5.84 5.70 20.49
N ARG A 211 -6.41 5.38 19.34
CA ARG A 211 -7.01 6.38 18.48
C ARG A 211 -8.24 7.13 19.02
N THR A 212 -8.26 8.43 18.74
CA THR A 212 -9.34 9.34 19.13
C THR A 212 -9.55 10.29 17.95
N LEU A 213 -10.66 11.03 17.94
CA LEU A 213 -10.92 11.97 16.86
C LEU A 213 -9.74 12.91 16.69
N ASP A 214 -9.08 13.23 17.81
CA ASP A 214 -7.91 14.10 17.80
C ASP A 214 -6.84 13.49 16.90
N GLN A 215 -6.59 12.20 17.09
CA GLN A 215 -5.58 11.51 16.27
C GLN A 215 -5.92 11.68 14.79
N MET A 216 -7.03 11.08 14.37
CA MET A 216 -7.44 11.18 12.96
C MET A 216 -8.85 10.68 12.67
N CYS A 217 -9.55 11.43 11.83
CA CYS A 217 -10.90 11.09 11.41
C CYS A 217 -10.71 10.13 10.23
N THR A 218 -11.62 9.17 10.07
CA THR A 218 -11.50 8.21 8.99
C THR A 218 -12.24 8.54 7.69
N VAL A 219 -12.98 9.64 7.67
CA VAL A 219 -13.74 10.01 6.48
C VAL A 219 -12.86 10.42 5.31
N THR A 220 -13.30 10.08 4.11
CA THR A 220 -12.57 10.41 2.91
C THR A 220 -13.54 10.96 1.91
N ARG A 221 -13.02 11.57 0.85
CA ARG A 221 -13.88 12.09 -0.21
C ARG A 221 -14.28 10.86 -1.02
N PRO A 222 -15.59 10.64 -1.17
CA PRO A 222 -16.16 9.50 -1.92
C PRO A 222 -15.38 9.09 -3.16
N GLY A 223 -14.87 10.07 -3.89
CA GLY A 223 -14.14 9.81 -5.11
C GLY A 223 -12.92 8.90 -4.99
N VAL A 224 -12.13 9.06 -3.93
CA VAL A 224 -10.93 8.24 -3.78
C VAL A 224 -11.20 6.74 -3.81
N ALA A 225 -12.24 6.29 -3.12
CA ALA A 225 -12.56 4.86 -3.11
C ALA A 225 -12.78 4.31 -4.54
N MET A 226 -13.68 4.94 -5.28
CA MET A 226 -13.99 4.52 -6.64
C MET A 226 -12.74 4.47 -7.54
N MET A 227 -11.92 5.52 -7.50
CA MET A 227 -10.72 5.59 -8.30
C MET A 227 -9.69 4.50 -7.98
N ALA A 228 -9.31 4.45 -6.71
CA ALA A 228 -8.35 3.47 -6.24
C ALA A 228 -8.77 2.05 -6.65
N SER A 229 -10.07 1.76 -6.59
CA SER A 229 -10.56 0.42 -6.97
C SER A 229 -10.38 0.12 -8.46
N SER A 230 -10.85 1.02 -9.32
CA SER A 230 -10.73 0.79 -10.74
C SER A 230 -9.27 0.71 -11.16
N LEU A 231 -8.45 1.64 -10.70
CA LEU A 231 -7.05 1.59 -11.06
C LEU A 231 -6.44 0.27 -10.58
N ALA A 232 -6.86 -0.17 -9.39
CA ALA A 232 -6.37 -1.41 -8.82
C ALA A 232 -6.72 -2.60 -9.71
N VAL A 233 -7.93 -2.61 -10.27
CA VAL A 233 -8.31 -3.75 -11.10
C VAL A 233 -7.69 -3.68 -12.49
N GLU A 234 -7.53 -2.48 -13.02
CA GLU A 234 -6.94 -2.32 -14.33
C GLU A 234 -5.46 -2.67 -14.24
N LEU A 235 -4.88 -2.50 -13.05
CA LEU A 235 -3.47 -2.85 -12.87
C LEU A 235 -3.38 -4.37 -12.93
N MET A 236 -4.26 -5.04 -12.20
CA MET A 236 -4.29 -6.48 -12.19
C MET A 236 -4.51 -7.07 -13.58
N THR A 237 -5.46 -6.51 -14.34
CA THR A 237 -5.72 -7.09 -15.66
C THR A 237 -4.58 -6.92 -16.64
N SER A 238 -3.86 -5.80 -16.53
CA SER A 238 -2.70 -5.53 -17.39
C SER A 238 -1.59 -6.48 -16.93
N LEU A 239 -1.21 -6.37 -15.67
CA LEU A 239 -0.19 -7.23 -15.07
C LEU A 239 -0.36 -8.69 -15.45
N LEU A 240 -1.58 -9.10 -15.73
CA LEU A 240 -1.89 -10.47 -16.09
C LEU A 240 -1.55 -10.80 -17.54
N GLN A 241 -1.25 -9.76 -18.31
CA GLN A 241 -0.90 -9.95 -19.72
C GLN A 241 0.60 -10.15 -19.89
N THR A 242 1.00 -10.95 -20.88
CA THR A 242 2.40 -11.18 -21.12
C THR A 242 2.97 -9.82 -21.52
N LYS A 243 4.08 -9.42 -20.90
CA LYS A 243 4.64 -8.13 -21.24
C LYS A 243 5.42 -8.21 -22.53
N TYR A 244 5.68 -7.06 -23.13
CA TYR A 244 6.40 -7.00 -24.39
C TYR A 244 7.91 -7.15 -24.22
N SER A 245 8.51 -7.93 -25.12
CA SER A 245 9.96 -8.22 -25.10
C SER A 245 10.86 -7.11 -24.59
N GLY A 246 10.85 -5.97 -25.27
CA GLY A 246 11.72 -4.89 -24.84
C GLY A 246 11.07 -3.76 -24.09
N SER A 247 10.15 -4.06 -23.18
CA SER A 247 9.49 -3.01 -22.41
C SER A 247 8.65 -3.45 -21.22
N GLU A 248 8.33 -2.49 -20.38
CA GLU A 248 7.51 -2.73 -19.21
C GLU A 248 6.07 -2.37 -19.59
N THR A 249 5.58 -3.04 -20.63
CA THR A 249 4.23 -2.82 -21.13
C THR A 249 3.61 -4.12 -21.67
N THR A 250 2.29 -4.10 -21.81
CA THR A 250 1.54 -5.25 -22.31
C THR A 250 0.50 -4.77 -23.30
N VAL A 251 -0.40 -5.67 -23.64
CA VAL A 251 -1.48 -5.38 -24.58
C VAL A 251 -2.40 -4.26 -24.02
N LEU A 252 -2.55 -4.25 -22.70
CA LEU A 252 -3.36 -3.26 -22.00
C LEU A 252 -2.57 -2.07 -21.49
N GLY A 253 -1.33 -1.93 -21.97
CA GLY A 253 -0.50 -0.80 -21.56
C GLY A 253 0.57 -1.05 -20.52
N ASP A 254 0.91 -0.01 -19.76
CA ASP A 254 1.93 -0.11 -18.73
C ASP A 254 1.49 -1.00 -17.57
N ILE A 255 2.41 -1.22 -16.64
CA ILE A 255 2.17 -2.04 -15.47
C ILE A 255 2.95 -1.47 -14.31
N PRO A 256 2.67 -0.20 -13.95
CA PRO A 256 3.34 0.51 -12.87
C PRO A 256 3.47 -0.36 -11.63
N HIS A 257 4.41 0.02 -10.77
CA HIS A 257 4.66 -0.66 -9.50
C HIS A 257 3.82 0.00 -8.45
N GLN A 258 3.76 1.33 -8.54
CA GLN A 258 3.06 2.13 -7.57
C GLN A 258 2.31 3.29 -8.21
N ILE A 259 1.06 3.51 -7.80
CA ILE A 259 0.27 4.61 -8.33
C ILE A 259 -0.31 5.40 -7.19
N ARG A 260 -0.10 6.71 -7.18
CA ARG A 260 -0.67 7.56 -6.13
C ARG A 260 -1.45 8.68 -6.80
N GLY A 261 -2.67 8.94 -6.31
CA GLY A 261 -3.50 9.98 -6.88
C GLY A 261 -3.95 11.02 -5.88
N PHE A 262 -4.32 12.20 -6.39
CA PHE A 262 -4.76 13.32 -5.55
C PHE A 262 -5.96 14.02 -6.19
N LEU A 263 -6.99 14.29 -5.42
CA LEU A 263 -8.19 14.92 -5.95
C LEU A 263 -8.18 16.43 -6.08
N HIS A 264 -7.57 17.13 -5.13
CA HIS A 264 -7.54 18.58 -5.16
C HIS A 264 -6.97 19.14 -6.47
N ASN A 265 -6.04 18.40 -7.08
CA ASN A 265 -5.41 18.84 -8.32
C ASN A 265 -5.54 17.80 -9.43
N PHE A 266 -6.57 16.95 -9.30
CA PHE A 266 -6.86 15.89 -10.26
C PHE A 266 -5.63 15.29 -10.90
N SER A 267 -4.72 14.78 -10.09
CA SER A 267 -3.51 14.21 -10.65
C SER A 267 -3.33 12.74 -10.34
N ILE A 268 -2.30 12.17 -10.94
CA ILE A 268 -1.96 10.78 -10.76
C ILE A 268 -0.49 10.61 -11.12
N LEU A 269 0.24 9.97 -10.23
CA LEU A 269 1.66 9.73 -10.42
C LEU A 269 1.94 8.24 -10.49
N LYS A 270 2.87 7.87 -11.37
CA LYS A 270 3.30 6.48 -11.42
C LYS A 270 4.65 6.57 -10.71
N LEU A 271 5.00 5.55 -9.94
CA LEU A 271 6.24 5.54 -9.20
C LEU A 271 6.76 4.13 -9.09
N GLU A 272 7.95 4.00 -8.50
CA GLU A 272 8.60 2.71 -8.30
C GLU A 272 9.62 2.81 -7.16
N THR A 273 9.62 1.80 -6.28
CA THR A 273 10.53 1.78 -5.15
C THR A 273 11.01 0.34 -4.99
N PRO A 274 12.34 0.13 -4.97
CA PRO A 274 12.95 -1.19 -4.83
C PRO A 274 12.76 -1.75 -3.42
N ALA A 275 12.83 -3.08 -3.28
CA ALA A 275 12.65 -3.68 -1.96
C ALA A 275 13.74 -3.17 -1.00
N TYR A 276 13.31 -2.64 0.14
CA TYR A 276 14.22 -2.13 1.15
C TYR A 276 14.60 -3.28 2.07
N GLU A 277 15.91 -3.55 2.20
CA GLU A 277 16.36 -4.67 3.02
C GLU A 277 15.98 -4.67 4.49
N HIS A 278 15.66 -3.51 5.06
CA HIS A 278 15.26 -3.48 6.47
C HIS A 278 13.76 -3.34 6.63
N CYS A 279 13.01 -3.81 5.64
CA CYS A 279 11.56 -3.72 5.70
C CYS A 279 11.01 -4.67 6.74
N PRO A 280 10.16 -4.17 7.63
CA PRO A 280 9.60 -5.06 8.65
C PRO A 280 8.58 -6.05 8.06
N ALA A 281 8.62 -6.24 6.74
CA ALA A 281 7.68 -7.12 6.04
C ALA A 281 8.29 -7.97 4.94
N CYS A 282 9.05 -7.35 4.05
CA CYS A 282 9.65 -8.11 2.97
C CYS A 282 11.15 -8.32 3.11
N SER A 283 11.72 -7.80 4.19
CA SER A 283 13.15 -7.98 4.41
C SER A 283 13.51 -9.46 4.46
N PRO A 284 14.65 -9.81 3.85
CA PRO A 284 15.16 -11.18 3.80
C PRO A 284 15.27 -11.77 5.20
N LYS A 285 15.73 -10.97 6.15
CA LYS A 285 15.86 -11.44 7.52
C LYS A 285 14.52 -11.88 8.08
N VAL A 286 13.46 -11.13 7.74
CA VAL A 286 12.11 -11.45 8.22
C VAL A 286 11.58 -12.71 7.54
N ILE A 287 11.88 -12.86 6.25
CA ILE A 287 11.42 -14.06 5.56
C ILE A 287 12.12 -15.28 6.15
N GLU A 288 13.42 -15.17 6.39
CA GLU A 288 14.17 -16.27 6.99
C GLU A 288 13.53 -16.69 8.32
N ALA A 289 13.29 -15.71 9.19
CA ALA A 289 12.68 -16.00 10.48
C ALA A 289 11.37 -16.75 10.35
N PHE A 290 10.57 -16.38 9.35
CA PHE A 290 9.29 -17.04 9.16
C PHE A 290 9.50 -18.48 8.69
N THR A 291 10.34 -18.64 7.66
CA THR A 291 10.61 -19.96 7.11
C THR A 291 11.17 -20.90 8.19
N ASP A 292 11.94 -20.32 9.11
CA ASP A 292 12.57 -21.07 10.20
C ASP A 292 11.70 -21.39 11.40
N LEU A 293 10.85 -20.44 11.80
CA LEU A 293 10.01 -20.63 12.97
C LEU A 293 8.49 -20.51 12.85
N GLY A 294 7.98 -20.25 11.65
CA GLY A 294 6.54 -20.14 11.48
C GLY A 294 5.76 -19.39 12.56
N TRP A 295 4.61 -19.91 12.94
CA TRP A 295 3.75 -19.27 13.94
C TRP A 295 4.44 -18.86 15.24
N GLU A 296 5.55 -19.50 15.54
CA GLU A 296 6.26 -19.15 16.76
C GLU A 296 6.83 -17.75 16.66
N PHE A 297 7.44 -17.42 15.52
CA PHE A 297 8.02 -16.10 15.31
C PHE A 297 6.97 -15.01 15.13
N VAL A 298 5.94 -15.32 14.36
CA VAL A 298 4.87 -14.37 14.11
C VAL A 298 4.21 -13.94 15.42
N LYS A 299 3.98 -14.89 16.32
CA LYS A 299 3.35 -14.56 17.60
C LYS A 299 4.17 -13.48 18.30
N LYS A 300 5.49 -13.56 18.16
CA LYS A 300 6.36 -12.58 18.80
C LYS A 300 6.24 -11.20 18.16
N ALA A 301 6.29 -11.17 16.83
CA ALA A 301 6.17 -9.90 16.12
C ALA A 301 4.79 -9.31 16.43
N LEU A 302 3.77 -10.16 16.40
CA LEU A 302 2.42 -9.72 16.68
C LEU A 302 2.29 -8.94 17.98
N GLU A 303 2.96 -9.39 19.04
CA GLU A 303 2.81 -8.70 20.30
C GLU A 303 3.98 -7.77 20.63
N HIS A 304 5.02 -7.82 19.81
CA HIS A 304 6.18 -6.98 20.05
C HIS A 304 6.73 -6.41 18.75
N PRO A 305 6.04 -5.38 18.21
CA PRO A 305 6.45 -4.73 16.97
C PRO A 305 7.91 -4.32 17.01
N LEU A 306 8.36 -3.91 18.20
CA LEU A 306 9.75 -3.51 18.31
C LEU A 306 10.65 -4.70 18.00
N TYR A 307 10.21 -5.90 18.38
CA TYR A 307 10.96 -7.12 18.11
C TYR A 307 11.22 -7.19 16.62
N LEU A 308 10.14 -7.00 15.87
CA LEU A 308 10.19 -7.04 14.42
C LEU A 308 11.35 -6.17 13.94
N GLU A 309 11.42 -4.95 14.47
CA GLU A 309 12.48 -4.03 14.11
C GLU A 309 13.85 -4.64 14.41
N GLU A 310 13.99 -5.26 15.58
CA GLU A 310 15.25 -5.90 15.95
C GLU A 310 15.63 -6.97 14.92
N ILE A 311 14.62 -7.67 14.40
CA ILE A 311 14.84 -8.72 13.42
C ILE A 311 15.21 -8.24 12.01
N SER A 312 14.53 -7.20 11.52
CA SER A 312 14.80 -6.70 10.18
C SER A 312 16.01 -5.77 10.07
N GLY A 313 16.41 -5.18 11.20
CA GLY A 313 17.56 -4.30 11.17
C GLY A 313 17.21 -2.84 11.26
N LEU A 314 15.92 -2.55 11.41
CA LEU A 314 15.47 -1.16 11.53
C LEU A 314 16.03 -0.51 12.77
N SER A 315 16.60 -1.33 13.65
CA SER A 315 17.20 -0.84 14.88
C SER A 315 18.69 -0.57 14.65
N VAL A 316 19.33 -1.45 13.88
CA VAL A 316 20.74 -1.30 13.58
C VAL A 316 20.99 -0.01 12.80
N ILE A 317 19.96 0.53 12.16
CA ILE A 317 20.13 1.76 11.40
C ILE A 317 19.72 3.00 12.19
N LYS A 318 18.74 2.87 13.08
CA LYS A 318 18.35 4.01 13.89
C LYS A 318 19.41 4.12 14.98
N GLN A 319 19.92 2.97 15.43
CA GLN A 319 20.95 2.92 16.46
C GLN A 319 22.23 3.56 15.92
N GLU A 320 22.46 3.39 14.62
CA GLU A 320 23.62 3.95 13.95
C GLU A 320 23.48 5.47 13.92
N VAL A 321 22.28 5.94 13.58
CA VAL A 321 22.06 7.37 13.54
C VAL A 321 22.04 7.93 14.95
N GLU A 322 21.59 7.12 15.89
CA GLU A 322 21.50 7.54 17.30
C GLU A 322 22.85 7.98 17.89
N ARG A 323 23.91 7.31 17.49
CA ARG A 323 25.27 7.62 17.95
C ARG A 323 25.76 8.93 17.35
N THR B 7 5.54 28.93 2.36
CA THR B 7 6.63 28.10 1.76
C THR B 7 7.98 28.81 1.88
N PHE B 8 9.06 28.04 1.69
CA PHE B 8 10.42 28.60 1.77
C PHE B 8 10.68 29.44 0.52
N LYS B 9 10.44 28.85 -0.66
CA LYS B 9 10.64 29.58 -1.92
C LYS B 9 9.69 30.79 -1.99
N SER B 10 8.53 30.64 -1.38
CA SER B 10 7.53 31.71 -1.39
C SER B 10 7.92 32.86 -0.45
N GLU B 11 9.04 32.69 0.25
CA GLU B 11 9.50 33.73 1.18
C GLU B 11 10.96 34.09 0.94
N TYR B 12 11.47 33.73 -0.23
CA TYR B 12 12.86 34.01 -0.59
C TYR B 12 13.11 33.80 -2.08
N PRO B 13 13.74 34.78 -2.75
CA PRO B 13 14.06 34.75 -4.19
C PRO B 13 15.27 33.88 -4.54
N PHE B 14 15.35 33.49 -5.81
CA PHE B 14 16.43 32.64 -6.32
C PHE B 14 17.84 33.09 -5.91
N GLU B 15 18.07 34.40 -5.87
CA GLU B 15 19.38 34.91 -5.49
C GLU B 15 19.75 34.55 -4.06
N LYS B 16 18.95 35.02 -3.10
CA LYS B 16 19.19 34.74 -1.68
C LYS B 16 19.18 33.24 -1.38
N ARG B 17 18.51 32.47 -2.23
CA ARG B 17 18.43 31.01 -2.06
C ARG B 17 19.61 30.29 -2.73
N LYS B 18 20.07 30.82 -3.86
CA LYS B 18 21.19 30.22 -4.58
C LYS B 18 22.48 30.61 -3.89
N ALA B 19 22.36 31.51 -2.91
CA ALA B 19 23.50 32.02 -2.16
C ALA B 19 23.79 31.20 -0.91
N GLU B 20 22.78 31.04 -0.05
CA GLU B 20 22.96 30.29 1.19
C GLU B 20 23.29 28.85 0.85
N SER B 21 23.02 28.46 -0.40
CA SER B 21 23.31 27.11 -0.87
C SER B 21 24.81 26.90 -1.04
N GLU B 22 25.46 27.87 -1.69
CA GLU B 22 26.91 27.82 -1.93
C GLU B 22 27.66 28.11 -0.64
N ARG B 23 27.10 28.98 0.20
CA ARG B 23 27.74 29.33 1.46
C ARG B 23 27.75 28.09 2.37
N ILE B 24 26.79 27.20 2.12
CA ILE B 24 26.65 25.97 2.90
C ILE B 24 27.56 24.87 2.33
N ALA B 25 27.73 24.89 1.01
CA ALA B 25 28.56 23.92 0.34
C ALA B 25 30.03 24.22 0.62
N ASP B 26 30.36 25.52 0.60
CA ASP B 26 31.73 25.97 0.84
C ASP B 26 32.19 25.73 2.29
N ARG B 27 31.27 25.91 3.23
CA ARG B 27 31.55 25.74 4.66
C ARG B 27 31.47 24.29 5.16
N PHE B 28 30.43 23.56 4.73
CA PHE B 28 30.27 22.17 5.13
C PHE B 28 30.14 21.25 3.91
N PRO B 29 31.26 20.92 3.25
CA PRO B 29 31.19 20.04 2.08
C PRO B 29 30.81 18.60 2.44
N ASN B 30 30.35 18.40 3.67
CA ASN B 30 29.95 17.07 4.15
C ASN B 30 28.44 17.02 4.41
N ARG B 31 27.85 18.18 4.62
CA ARG B 31 26.41 18.28 4.87
C ARG B 31 25.64 18.44 3.57
N ILE B 32 24.32 18.37 3.66
CA ILE B 32 23.46 18.51 2.50
C ILE B 32 22.31 19.44 2.82
N PRO B 33 22.19 20.53 2.05
CA PRO B 33 21.14 21.54 2.24
C PRO B 33 19.76 20.99 1.85
N VAL B 34 18.95 20.68 2.86
CA VAL B 34 17.63 20.12 2.62
C VAL B 34 16.54 20.94 3.29
N ILE B 35 15.46 21.19 2.56
CA ILE B 35 14.32 21.93 3.08
C ILE B 35 13.20 20.92 3.11
N CYS B 36 12.75 20.59 4.32
CA CYS B 36 11.70 19.60 4.51
C CYS B 36 10.42 20.19 5.08
N GLU B 37 9.33 20.11 4.31
CA GLU B 37 8.04 20.62 4.77
C GLU B 37 6.87 19.70 4.36
N LYS B 38 5.81 19.72 5.16
CA LYS B 38 4.65 18.87 4.93
C LYS B 38 3.86 19.16 3.65
N ALA B 39 3.42 18.10 2.98
CA ALA B 39 2.63 18.24 1.76
C ALA B 39 1.45 19.16 2.03
N GLU B 40 1.07 19.93 1.02
CA GLU B 40 -0.02 20.89 1.13
C GLU B 40 -1.29 20.35 1.81
N LYS B 41 -1.91 19.35 1.20
CA LYS B 41 -3.17 18.78 1.71
C LYS B 41 -3.10 17.56 2.65
N SER B 42 -1.92 17.31 3.25
CA SER B 42 -1.74 16.18 4.16
C SER B 42 -2.21 16.47 5.59
N ASP B 43 -2.68 15.42 6.28
CA ASP B 43 -3.22 15.55 7.64
C ASP B 43 -2.25 15.21 8.77
N ILE B 44 -1.01 15.71 8.72
CA ILE B 44 -0.05 15.39 9.79
C ILE B 44 0.76 16.58 10.30
N PRO B 45 1.38 16.40 11.48
CA PRO B 45 2.21 17.39 12.18
C PRO B 45 3.31 18.06 11.34
N GLU B 46 3.71 19.26 11.76
CA GLU B 46 4.75 20.05 11.09
C GLU B 46 5.37 21.06 12.06
N ILE B 47 6.65 21.37 11.88
CA ILE B 47 7.31 22.34 12.76
C ILE B 47 8.05 23.38 11.93
N ASP B 48 8.23 24.56 12.52
CA ASP B 48 8.91 25.67 11.84
C ASP B 48 10.27 25.34 11.26
N LYS B 49 10.92 24.28 11.75
CA LYS B 49 12.23 23.91 11.23
C LYS B 49 12.06 23.25 9.87
N ARG B 50 12.20 24.06 8.82
CA ARG B 50 12.10 23.57 7.46
C ARG B 50 13.50 23.38 6.89
N LYS B 51 14.50 23.95 7.59
CA LYS B 51 15.90 23.87 7.14
C LYS B 51 16.72 22.76 7.81
N TYR B 52 17.31 21.90 6.99
CA TYR B 52 18.12 20.79 7.49
C TYR B 52 19.41 20.65 6.69
N LEU B 53 20.49 20.36 7.39
CA LEU B 53 21.80 20.16 6.78
C LEU B 53 22.29 18.79 7.19
N VAL B 54 21.74 17.75 6.58
CA VAL B 54 22.12 16.39 6.90
C VAL B 54 23.42 15.95 6.20
N PRO B 55 24.14 14.98 6.77
CA PRO B 55 25.38 14.47 6.20
C PRO B 55 25.09 13.58 5.01
N ALA B 56 25.95 13.66 4.00
CA ALA B 56 25.78 12.87 2.79
C ALA B 56 25.70 11.35 2.93
N ASP B 57 26.38 10.78 3.92
CA ASP B 57 26.36 9.32 4.10
C ASP B 57 25.07 8.75 4.72
N LEU B 58 24.27 9.64 5.29
CA LEU B 58 23.01 9.29 5.93
C LEU B 58 21.97 8.83 4.89
N THR B 59 21.30 7.70 5.14
CA THR B 59 20.30 7.18 4.19
C THR B 59 18.97 7.93 4.27
N VAL B 60 18.12 7.72 3.27
CA VAL B 60 16.81 8.37 3.23
C VAL B 60 16.04 7.94 4.47
N GLY B 61 16.14 6.64 4.77
CA GLY B 61 15.45 6.09 5.93
C GLY B 61 15.86 6.87 7.16
N GLN B 62 17.17 7.01 7.33
CA GLN B 62 17.71 7.75 8.46
C GLN B 62 17.23 9.21 8.47
N PHE B 63 17.11 9.81 7.28
CA PHE B 63 16.64 11.19 7.19
C PHE B 63 15.16 11.23 7.54
N VAL B 64 14.46 10.14 7.25
CA VAL B 64 13.04 10.05 7.55
C VAL B 64 12.84 9.93 9.06
N TYR B 65 13.72 9.18 9.72
CA TYR B 65 13.59 9.03 11.16
C TYR B 65 13.66 10.42 11.80
N VAL B 66 14.64 11.21 11.38
CA VAL B 66 14.82 12.56 11.88
C VAL B 66 13.55 13.38 11.75
N ILE B 67 13.00 13.40 10.54
CA ILE B 67 11.79 14.15 10.26
C ILE B 67 10.67 13.83 11.25
N ARG B 68 10.32 12.55 11.38
CA ARG B 68 9.26 12.16 12.30
C ARG B 68 9.62 12.35 13.77
N LYS B 69 10.92 12.30 14.07
CA LYS B 69 11.39 12.51 15.45
C LYS B 69 11.26 13.99 15.76
N ARG B 70 12.04 14.79 15.05
CA ARG B 70 12.04 16.25 15.20
C ARG B 70 10.60 16.78 15.13
N ILE B 71 9.78 16.18 14.28
CA ILE B 71 8.39 16.62 14.13
C ILE B 71 7.46 16.12 15.23
N MET B 72 7.93 15.16 16.03
CA MET B 72 7.14 14.61 17.13
C MET B 72 5.97 13.75 16.65
N LEU B 73 6.23 12.95 15.62
CA LEU B 73 5.21 12.08 15.06
C LEU B 73 5.21 10.72 15.75
N PRO B 74 4.02 10.20 16.11
CA PRO B 74 4.00 8.89 16.77
C PRO B 74 4.42 7.76 15.83
N PRO B 75 4.86 6.62 16.40
CA PRO B 75 5.28 5.49 15.56
C PRO B 75 4.11 4.67 15.01
N GLU B 76 2.88 4.95 15.46
CA GLU B 76 1.70 4.24 14.99
C GLU B 76 1.31 4.71 13.59
N LYS B 77 1.66 5.95 13.27
CA LYS B 77 1.35 6.53 11.97
C LYS B 77 2.61 6.62 11.11
N ALA B 78 2.48 6.20 9.85
CA ALA B 78 3.60 6.24 8.92
C ALA B 78 3.49 7.44 7.98
N ILE B 79 4.54 7.66 7.19
CA ILE B 79 4.60 8.77 6.24
C ILE B 79 5.51 8.35 5.08
N PHE B 80 5.38 9.08 3.97
CA PHE B 80 6.21 8.83 2.80
C PHE B 80 6.75 10.21 2.38
N ILE B 81 7.82 10.23 1.60
CA ILE B 81 8.37 11.51 1.18
C ILE B 81 8.55 11.65 -0.32
N PHE B 82 8.24 12.84 -0.80
CA PHE B 82 8.39 13.15 -2.22
C PHE B 82 9.64 13.95 -2.45
N VAL B 83 10.22 13.75 -3.62
CA VAL B 83 11.43 14.45 -4.03
C VAL B 83 11.27 14.61 -5.53
N ASN B 84 10.57 15.68 -5.91
CA ASN B 84 10.26 15.98 -7.30
C ASN B 84 9.28 14.93 -7.79
N ASP B 85 8.19 14.80 -7.03
CA ASP B 85 7.14 13.84 -7.30
C ASP B 85 7.67 12.43 -7.46
N THR B 86 8.64 12.08 -6.61
CA THR B 86 9.24 10.75 -6.65
C THR B 86 9.48 10.21 -5.24
N LEU B 87 9.34 8.90 -5.09
CA LEU B 87 9.57 8.25 -3.80
C LEU B 87 10.98 7.63 -3.83
N PRO B 88 11.94 8.33 -3.22
CA PRO B 88 13.33 7.88 -3.17
C PRO B 88 13.51 6.57 -2.40
N PRO B 89 14.35 5.67 -2.93
CA PRO B 89 14.54 4.41 -2.22
C PRO B 89 14.88 4.72 -0.75
N THR B 90 14.30 3.98 0.17
CA THR B 90 14.57 4.21 1.58
C THR B 90 16.05 3.93 1.92
N ALA B 91 16.65 3.02 1.15
CA ALA B 91 18.05 2.63 1.35
C ALA B 91 19.05 3.37 0.47
N ALA B 92 18.76 4.62 0.13
CA ALA B 92 19.65 5.41 -0.70
C ALA B 92 20.36 6.47 0.14
N LEU B 93 21.54 6.87 -0.31
CA LEU B 93 22.33 7.88 0.40
C LEU B 93 21.84 9.29 0.08
N MET B 94 21.52 10.06 1.11
CA MET B 94 21.03 11.43 0.91
C MET B 94 21.85 12.23 -0.11
N SER B 95 23.10 11.82 -0.34
CA SER B 95 23.97 12.51 -1.28
C SER B 95 23.57 12.16 -2.71
N ALA B 96 23.47 10.86 -2.99
CA ALA B 96 23.09 10.34 -4.31
C ALA B 96 21.72 10.92 -4.71
N ILE B 97 20.90 11.20 -3.70
CA ILE B 97 19.58 11.78 -3.94
C ILE B 97 19.77 13.24 -4.33
N TYR B 98 20.63 13.93 -3.59
CA TYR B 98 20.92 15.34 -3.86
C TYR B 98 21.53 15.50 -5.25
N GLN B 99 22.32 14.52 -5.65
CA GLN B 99 22.94 14.56 -6.96
C GLN B 99 21.87 14.48 -8.04
N GLU B 100 20.74 13.81 -7.75
CA GLU B 100 19.70 13.68 -8.77
C GLU B 100 18.48 14.58 -8.67
N HIS B 101 18.22 15.16 -7.51
CA HIS B 101 17.02 15.99 -7.39
C HIS B 101 17.20 17.41 -6.90
N LYS B 102 18.45 17.84 -6.76
CA LYS B 102 18.69 19.20 -6.28
C LYS B 102 18.15 20.25 -7.24
N ASP B 103 17.47 21.26 -6.68
CA ASP B 103 16.94 22.36 -7.47
C ASP B 103 18.11 23.26 -7.86
N LYS B 104 17.97 23.99 -8.96
CA LYS B 104 19.03 24.88 -9.42
C LYS B 104 19.41 25.89 -8.33
N ASP B 105 18.63 25.96 -7.25
CA ASP B 105 18.92 26.90 -6.17
C ASP B 105 19.83 26.33 -5.10
N GLY B 106 20.39 25.14 -5.36
CA GLY B 106 21.31 24.53 -4.41
C GLY B 106 20.73 23.62 -3.33
N PHE B 107 19.43 23.77 -3.05
CA PHE B 107 18.76 22.96 -2.04
C PHE B 107 17.99 21.76 -2.58
N LEU B 108 17.84 20.73 -1.75
CA LEU B 108 17.09 19.54 -2.11
C LEU B 108 15.74 19.69 -1.42
N TYR B 109 14.68 19.87 -2.20
CA TYR B 109 13.35 20.04 -1.64
C TYR B 109 12.68 18.69 -1.40
N VAL B 110 12.19 18.52 -0.17
CA VAL B 110 11.55 17.28 0.25
C VAL B 110 10.20 17.53 0.94
N THR B 111 9.20 16.76 0.53
CA THR B 111 7.87 16.88 1.11
C THR B 111 7.53 15.58 1.80
N TYR B 112 6.83 15.68 2.92
CA TYR B 112 6.42 14.48 3.64
C TYR B 112 4.90 14.56 3.82
N SER B 113 4.24 13.40 3.81
CA SER B 113 2.80 13.39 4.00
C SER B 113 2.35 12.12 4.71
N GLY B 114 1.20 12.18 5.37
CA GLY B 114 0.69 11.01 6.06
C GLY B 114 0.46 9.90 5.07
N GLU B 115 0.83 8.67 5.42
CA GLU B 115 0.62 7.56 4.52
C GLU B 115 -0.86 7.16 4.53
N ASN B 116 -1.35 6.71 3.38
CA ASN B 116 -2.74 6.30 3.24
C ASN B 116 -2.96 4.93 3.87
N THR B 117 -4.02 4.80 4.67
CA THR B 117 -4.29 3.53 5.36
C THR B 117 -5.76 3.12 5.39
N PHE B 118 -6.66 3.93 4.83
CA PHE B 118 -8.06 3.57 4.83
C PHE B 118 -8.41 2.71 3.62
N GLY B 119 -9.52 1.99 3.75
CA GLY B 119 -9.95 1.13 2.67
C GLY B 119 -11.40 0.81 2.92
ZN ZN C . 8.91 -4.19 2.23
PG ATP D . -16.13 2.95 7.72
O1G ATP D . -16.38 4.03 8.71
O2G ATP D . -17.14 3.15 6.48
O3G ATP D . -14.60 3.05 7.17
PB ATP D . -15.85 0.26 7.58
O1B ATP D . -16.82 -0.83 7.67
O2B ATP D . -14.41 -0.24 8.13
O3B ATP D . -16.39 1.52 8.46
PA ATP D . -14.29 0.44 5.26
O1A ATP D . -14.29 1.21 4.01
O2A ATP D . -13.07 0.94 6.20
O3A ATP D . -15.76 0.68 5.99
O5' ATP D . -14.10 -1.11 4.82
C5' ATP D . -12.97 -1.69 5.46
C4' ATP D . -13.32 -3.15 5.70
O4' ATP D . -12.18 -3.92 6.21
C3' ATP D . -14.46 -3.27 6.71
O3' ATP D . -15.58 -3.92 6.10
C2' ATP D . -13.85 -4.07 7.88
O2' ATP D . -14.84 -4.89 8.55
C1' ATP D . -12.72 -4.87 7.17
N9 ATP D . -11.65 -5.21 8.11
C8 ATP D . -10.81 -4.32 8.77
N7 ATP D . -9.97 -4.97 9.52
C5 ATP D . -10.20 -6.31 9.40
C6 ATP D . -9.62 -7.49 9.97
N6 ATP D . -8.57 -7.38 10.85
N1 ATP D . -10.11 -8.71 9.61
C2 ATP D . -11.14 -8.82 8.74
N3 ATP D . -11.71 -7.74 8.19
C4 ATP D . -11.27 -6.48 8.49
MG MG E . -13.15 1.61 8.43
#